data_5OGA
#
_entry.id   5OGA
#
_entity_poly.entity_id   1
_entity_poly.type   'polydeoxyribonucleotide'
_entity_poly.pdbx_seq_one_letter_code
;(THM)(DNR)(DG)(DT)(DT)(DC)(DNR)(DG)(DT)(DT)(DT)(DT)(DT)(DC)(DG)(DT)(DT)(DC)(DC)
(DG)(DT)
;
_entity_poly.pdbx_strand_id   A
#